data_8PYH
#
_entry.id   8PYH
#
_cell.length_a   60.054
_cell.length_b   103.727
_cell.length_c   109.620
_cell.angle_alpha   90.00
_cell.angle_beta   90.00
_cell.angle_gamma   90.00
#
_symmetry.space_group_name_H-M   'P 21 21 21'
#
loop_
_entity.id
_entity.type
_entity.pdbx_description
1 polymer 'Orange carotenoid-binding protein'
2 non-polymer beta,beta-caroten-4-one
3 non-polymer 'ACETATE ION'
4 water water
#
_entity_poly.entity_id   1
_entity_poly.type   'polypeptide(L)'
_entity_poly.pdbx_seq_one_letter_code
;SHMTFTIDSARSIFPNTQVADAIPATVAAFNQLSAEDQLALLWFAYTEMGTTITPAAMSAANMIFAENTLNEIKQMPALD
QSQVMCDLVNQADSPLCRTYSSFGMNVKLGFWYQLSEWMKEGIVAPIPEGYKLSEDGSDVLEAIRQLEGGQQLSVLRDIV
VNMGYVPTGGTKKVKEPVVPPKDLASRSKSSIEGIDNPTVLSYMDNMNAFDFQAAVALFAEDGALKPPFEEPIVGKENIL
AYMNEQCYGLKLTPQQGVSESAAGEFTQVKVTGRVQSPWFGDNVGLNLAWRFLLNPQGEIFLVAIDVLASPKELMNLGLV
R
;
_entity_poly.pdbx_strand_id   A,B
#
# COMPACT_ATOMS: atom_id res chain seq x y z
N SER A 1 -24.09 47.28 19.17
CA SER A 1 -24.43 46.20 18.21
C SER A 1 -23.20 45.68 17.46
N HIS A 2 -22.65 44.49 17.83
CA HIS A 2 -21.28 44.07 17.45
C HIS A 2 -21.14 42.54 17.57
N MET A 3 -19.88 42.05 17.51
CA MET A 3 -19.48 40.66 17.43
C MET A 3 -18.49 40.32 18.55
N THR A 4 -18.70 39.22 19.28
CA THR A 4 -17.77 38.87 20.37
C THR A 4 -16.42 38.43 19.79
N PHE A 5 -16.46 37.68 18.67
CA PHE A 5 -15.32 37.04 18.04
C PHE A 5 -15.53 37.02 16.53
N THR A 6 -14.43 37.17 15.81
CA THR A 6 -14.30 36.81 14.41
C THR A 6 -13.42 35.57 14.38
N ILE A 7 -13.32 34.92 13.21
CA ILE A 7 -12.35 33.85 13.01
C ILE A 7 -10.93 34.38 13.20
N ASP A 8 -10.67 35.59 12.71
CA ASP A 8 -9.39 36.25 12.83
C ASP A 8 -9.02 36.36 14.32
N SER A 9 -9.93 36.95 15.12
CA SER A 9 -9.74 37.13 16.54
C SER A 9 -9.68 35.82 17.30
N ALA A 10 -10.59 34.90 16.99
CA ALA A 10 -10.56 33.54 17.53
C ALA A 10 -9.20 32.88 17.43
N ARG A 11 -8.45 33.16 16.36
CA ARG A 11 -7.18 32.48 16.10
C ARG A 11 -6.10 32.80 17.14
N SER A 12 -6.25 33.86 17.97
CA SER A 12 -5.36 34.18 19.07
C SER A 12 -5.62 33.47 20.40
N ILE A 13 -6.65 32.61 20.51
CA ILE A 13 -6.78 31.88 21.77
C ILE A 13 -5.51 31.09 22.13
N PHE A 14 -5.22 31.01 23.43
CA PHE A 14 -4.09 30.28 23.97
C PHE A 14 -2.75 30.77 23.39
N PRO A 15 -2.37 32.05 23.58
CA PRO A 15 -1.11 32.58 23.06
C PRO A 15 0.22 31.94 23.43
N ASN A 16 0.27 31.21 24.55
N ASN A 16 0.25 31.14 24.51
CA ASN A 16 1.49 30.51 24.96
C ASN A 16 1.37 29.10 24.37
C ASN A 16 1.80 29.20 24.24
N THR A 17 1.25 29.01 23.03
CA THR A 17 1.33 27.76 22.29
C THR A 17 2.46 27.98 21.30
N GLN A 18 3.58 27.26 21.43
CA GLN A 18 4.70 27.44 20.48
C GLN A 18 4.56 26.42 19.35
N VAL A 19 4.30 26.91 18.15
CA VAL A 19 4.15 26.12 16.94
C VAL A 19 5.53 25.89 16.33
N ALA A 20 5.63 24.87 15.46
CA ALA A 20 6.90 24.59 14.79
C ALA A 20 7.04 25.59 13.65
N ASP A 21 7.50 26.80 14.01
CA ASP A 21 7.64 27.92 13.08
C ASP A 21 8.71 27.59 12.02
N ALA A 22 9.68 26.72 12.36
CA ALA A 22 10.73 26.25 11.47
C ALA A 22 10.20 25.48 10.26
N ILE A 23 9.00 24.89 10.34
CA ILE A 23 8.47 24.14 9.22
C ILE A 23 8.23 25.09 8.07
N PRO A 24 7.34 26.09 8.17
CA PRO A 24 7.11 27.01 7.06
C PRO A 24 8.29 27.93 6.71
N ALA A 25 9.11 28.23 7.72
CA ALA A 25 10.32 28.98 7.52
C ALA A 25 11.27 28.25 6.57
N THR A 26 11.40 26.94 6.72
CA THR A 26 12.22 26.10 5.87
C THR A 26 11.58 25.94 4.48
N VAL A 27 10.26 25.72 4.39
CA VAL A 27 9.57 25.68 3.11
C VAL A 27 9.77 26.99 2.38
N ALA A 28 9.71 28.16 3.05
CA ALA A 28 9.95 29.46 2.42
C ALA A 28 11.35 29.53 1.83
N ALA A 29 12.42 29.15 2.59
CA ALA A 29 13.76 29.11 2.00
C ALA A 29 13.87 28.12 0.84
N PHE A 30 13.26 26.95 0.98
CA PHE A 30 13.14 25.95 -0.11
C PHE A 30 12.60 26.54 -1.40
N ASN A 31 11.59 27.44 -1.28
CA ASN A 31 10.95 28.05 -2.44
C ASN A 31 11.87 29.01 -3.19
N GLN A 32 12.95 29.54 -2.55
CA GLN A 32 13.92 30.36 -3.29
C GLN A 32 14.88 29.56 -4.18
N LEU A 33 14.94 28.21 -4.08
CA LEU A 33 15.98 27.43 -4.76
C LEU A 33 15.56 27.24 -6.21
N SER A 34 16.57 26.89 -7.03
CA SER A 34 16.37 26.50 -8.41
C SER A 34 15.62 25.17 -8.45
N ALA A 35 14.92 24.91 -9.56
CA ALA A 35 14.13 23.71 -9.71
C ALA A 35 14.97 22.44 -9.53
N GLU A 36 16.20 22.41 -10.08
CA GLU A 36 17.05 21.24 -9.96
C GLU A 36 17.52 21.06 -8.51
N ASP A 37 17.92 22.11 -7.80
CA ASP A 37 18.20 22.00 -6.35
C ASP A 37 16.98 21.52 -5.56
N GLN A 38 15.78 22.02 -5.89
CA GLN A 38 14.53 21.65 -5.24
C GLN A 38 14.27 20.16 -5.40
N LEU A 39 14.42 19.57 -6.59
CA LEU A 39 14.02 18.18 -6.79
C LEU A 39 15.02 17.27 -6.13
N ALA A 40 16.31 17.56 -6.33
CA ALA A 40 17.40 16.88 -5.64
C ALA A 40 17.23 16.93 -4.14
N LEU A 41 16.78 18.07 -3.60
CA LEU A 41 16.64 18.21 -2.14
C LEU A 41 15.58 17.30 -1.55
N LEU A 42 14.44 17.29 -2.23
CA LEU A 42 13.33 16.39 -1.92
C LEU A 42 13.75 14.94 -2.10
N TRP A 43 14.52 14.62 -3.15
CA TRP A 43 15.15 13.28 -3.28
C TRP A 43 15.89 12.92 -1.98
N PHE A 44 16.75 13.82 -1.50
CA PHE A 44 17.62 13.48 -0.36
C PHE A 44 16.83 13.41 0.93
N ALA A 45 15.88 14.34 1.07
CA ALA A 45 15.04 14.46 2.23
C ALA A 45 14.10 13.26 2.32
N TYR A 46 13.47 12.92 1.17
CA TYR A 46 12.58 11.78 1.11
C TYR A 46 13.33 10.51 1.47
N THR A 47 14.40 10.24 0.70
CA THR A 47 15.21 9.03 0.79
C THR A 47 15.77 8.83 2.20
N GLU A 48 16.24 9.89 2.86
CA GLU A 48 16.70 9.83 4.26
C GLU A 48 15.72 9.14 5.20
N MET A 49 14.41 9.34 4.99
CA MET A 49 13.42 8.92 5.97
C MET A 49 13.45 7.39 6.09
N GLY A 50 13.57 6.72 4.94
CA GLY A 50 13.55 5.28 4.85
C GLY A 50 12.27 4.77 5.45
N THR A 51 12.44 4.06 6.56
CA THR A 51 11.45 3.21 7.16
C THR A 51 10.32 4.01 7.82
N THR A 52 10.68 5.22 8.29
CA THR A 52 9.75 6.21 8.81
C THR A 52 8.50 6.36 7.94
N ILE A 53 8.65 6.39 6.61
CA ILE A 53 7.53 6.43 5.67
C ILE A 53 7.04 5.01 5.40
N THR A 54 5.73 4.79 5.57
CA THR A 54 4.99 3.58 5.25
C THR A 54 4.12 3.87 4.02
N PRO A 55 4.68 3.79 2.78
CA PRO A 55 3.97 4.28 1.59
C PRO A 55 2.90 3.40 0.97
N ALA A 56 2.75 2.15 1.43
CA ALA A 56 2.19 1.07 0.63
C ALA A 56 0.68 1.22 0.49
N ALA A 57 -0.10 1.05 1.59
CA ALA A 57 -1.56 1.11 1.61
C ALA A 57 -2.19 2.39 1.04
N MET A 58 -1.68 3.59 1.41
CA MET A 58 -2.26 4.86 0.97
C MET A 58 -2.10 5.07 -0.54
N SER A 59 -0.92 4.70 -1.06
CA SER A 59 -0.54 4.69 -2.47
C SER A 59 -1.58 3.90 -3.25
N ALA A 60 -1.76 2.64 -2.82
CA ALA A 60 -2.69 1.69 -3.41
C ALA A 60 -4.12 2.21 -3.47
N ALA A 61 -4.63 2.74 -2.35
CA ALA A 61 -5.96 3.34 -2.30
C ALA A 61 -6.14 4.50 -3.27
N ASN A 62 -5.05 5.28 -3.49
CA ASN A 62 -5.13 6.55 -4.14
C ASN A 62 -4.68 6.42 -5.59
N MET A 63 -4.04 5.32 -6.00
CA MET A 63 -3.37 5.34 -7.29
C MET A 63 -4.35 5.39 -8.47
N ILE A 64 -5.58 4.89 -8.31
CA ILE A 64 -6.50 4.97 -9.45
C ILE A 64 -6.60 6.39 -10.01
N PHE A 65 -6.51 7.42 -9.13
CA PHE A 65 -6.71 8.81 -9.52
C PHE A 65 -5.52 9.40 -10.27
N ALA A 66 -4.30 8.91 -10.01
CA ALA A 66 -3.06 9.37 -10.63
C ALA A 66 -2.59 8.51 -11.80
N GLU A 67 -3.20 7.34 -12.02
CA GLU A 67 -2.68 6.31 -12.90
C GLU A 67 -2.35 6.82 -14.29
N ASN A 68 -3.31 7.54 -14.88
CA ASN A 68 -3.15 7.97 -16.27
C ASN A 68 -2.05 9.02 -16.44
N THR A 69 -1.98 9.98 -15.48
CA THR A 69 -0.93 11.00 -15.52
C THR A 69 0.45 10.36 -15.37
N LEU A 70 0.61 9.50 -14.38
CA LEU A 70 1.83 8.77 -14.16
C LEU A 70 2.23 7.98 -15.40
N ASN A 71 1.29 7.29 -16.06
CA ASN A 71 1.66 6.43 -17.18
C ASN A 71 2.01 7.29 -18.38
N GLU A 72 1.34 8.42 -18.53
CA GLU A 72 1.71 9.42 -19.52
C GLU A 72 3.16 9.89 -19.28
N ILE A 73 3.59 10.09 -18.01
CA ILE A 73 4.95 10.52 -17.68
C ILE A 73 5.91 9.38 -17.97
N LYS A 74 5.50 8.16 -17.63
CA LYS A 74 6.25 6.93 -17.88
C LYS A 74 6.65 6.77 -19.35
N GLN A 75 5.77 7.17 -20.29
CA GLN A 75 5.96 6.98 -21.72
CA GLN A 75 5.94 6.98 -21.72
C GLN A 75 6.81 8.09 -22.33
N MET A 76 6.89 9.26 -21.70
CA MET A 76 7.75 10.35 -22.17
C MET A 76 9.22 9.93 -22.08
N PRO A 77 10.09 10.48 -22.98
CA PRO A 77 11.52 10.32 -22.83
C PRO A 77 12.00 11.15 -21.63
N ALA A 78 13.21 10.82 -21.17
CA ALA A 78 13.78 11.32 -19.94
C ALA A 78 13.71 12.84 -19.85
N LEU A 79 14.11 13.59 -20.90
CA LEU A 79 14.13 15.04 -20.85
C LEU A 79 12.75 15.65 -20.66
N ASP A 80 11.71 15.02 -21.22
CA ASP A 80 10.32 15.43 -20.93
C ASP A 80 9.92 15.08 -19.50
N GLN A 81 10.33 13.92 -18.99
CA GLN A 81 10.02 13.52 -17.61
C GLN A 81 10.60 14.54 -16.64
N SER A 82 11.88 14.91 -16.81
CA SER A 82 12.52 15.96 -15.98
C SER A 82 11.76 17.27 -16.05
N GLN A 83 11.41 17.69 -17.28
CA GLN A 83 10.78 18.98 -17.51
C GLN A 83 9.43 19.04 -16.76
N VAL A 84 8.64 17.93 -16.78
CA VAL A 84 7.38 17.90 -16.07
C VAL A 84 7.57 18.06 -14.55
N MET A 85 8.54 17.33 -13.99
CA MET A 85 8.83 17.50 -12.58
C MET A 85 9.31 18.92 -12.24
N CYS A 86 10.09 19.54 -13.15
CA CYS A 86 10.51 20.92 -13.00
C CYS A 86 9.29 21.85 -13.01
N ASP A 87 8.34 21.61 -13.92
CA ASP A 87 7.09 22.34 -13.96
C ASP A 87 6.32 22.25 -12.64
N LEU A 88 6.27 21.07 -12.01
CA LEU A 88 5.53 20.92 -10.75
C LEU A 88 6.21 21.69 -9.63
N VAL A 89 7.54 21.50 -9.46
CA VAL A 89 8.25 22.16 -8.38
C VAL A 89 8.38 23.69 -8.59
N ASN A 90 8.38 24.16 -9.85
CA ASN A 90 8.32 25.58 -10.18
C ASN A 90 6.93 26.21 -10.06
N GLN A 91 5.88 25.40 -9.96
CA GLN A 91 4.49 25.83 -9.92
C GLN A 91 4.10 26.51 -11.22
N ALA A 92 4.47 25.92 -12.36
CA ALA A 92 4.11 26.42 -13.67
C ALA A 92 2.63 26.17 -13.95
N ASP A 93 2.06 26.90 -14.95
CA ASP A 93 0.62 27.00 -15.24
C ASP A 93 0.10 25.97 -16.28
N SER A 94 0.74 24.79 -16.36
CA SER A 94 0.51 23.82 -17.42
C SER A 94 -0.74 23.03 -17.14
N PRO A 95 -1.44 22.44 -18.15
CA PRO A 95 -2.56 21.53 -17.87
C PRO A 95 -2.26 20.36 -16.94
N LEU A 96 -1.06 19.79 -17.04
CA LEU A 96 -0.61 18.78 -16.09
C LEU A 96 -0.50 19.37 -14.68
N CYS A 97 0.09 20.55 -14.53
CA CYS A 97 0.21 21.20 -13.24
C CYS A 97 -1.14 21.49 -12.62
N ARG A 98 -2.12 21.88 -13.43
CA ARG A 98 -3.49 22.07 -12.99
C ARG A 98 -4.11 20.73 -12.63
N THR A 99 -3.91 19.64 -13.42
CA THR A 99 -4.52 18.36 -13.05
CA THR A 99 -4.47 18.34 -13.08
C THR A 99 -3.92 17.92 -11.70
N TYR A 100 -2.61 18.11 -11.51
CA TYR A 100 -1.94 17.82 -10.25
C TYR A 100 -2.62 18.53 -9.11
N SER A 101 -2.91 19.83 -9.24
CA SER A 101 -3.59 20.59 -8.17
C SER A 101 -4.98 20.04 -7.82
N SER A 102 -5.70 19.48 -8.79
CA SER A 102 -7.01 18.87 -8.57
C SER A 102 -6.94 17.53 -7.83
N PHE A 103 -5.78 16.90 -7.77
CA PHE A 103 -5.65 15.68 -6.99
C PHE A 103 -5.71 16.00 -5.49
N GLY A 104 -6.38 15.14 -4.75
CA GLY A 104 -6.29 15.09 -3.32
C GLY A 104 -4.85 14.86 -2.85
N MET A 105 -4.57 15.37 -1.65
CA MET A 105 -3.29 15.29 -1.00
C MET A 105 -2.72 13.87 -1.09
N ASN A 106 -3.53 12.84 -0.77
CA ASN A 106 -3.03 11.47 -0.75
C ASN A 106 -2.75 10.90 -2.14
N VAL A 107 -3.45 11.41 -3.16
CA VAL A 107 -3.15 11.14 -4.57
C VAL A 107 -1.85 11.83 -4.97
N LYS A 108 -1.70 13.12 -4.63
CA LYS A 108 -0.43 13.81 -4.87
C LYS A 108 0.77 13.08 -4.25
N LEU A 109 0.63 12.54 -3.04
CA LEU A 109 1.71 11.86 -2.35
C LEU A 109 1.99 10.49 -3.01
N GLY A 110 0.94 9.78 -3.44
CA GLY A 110 1.11 8.49 -4.13
C GLY A 110 1.75 8.60 -5.51
N PHE A 111 1.42 9.72 -6.18
CA PHE A 111 2.00 10.13 -7.43
C PHE A 111 3.51 10.31 -7.28
N TRP A 112 3.96 11.14 -6.35
CA TRP A 112 5.39 11.30 -6.10
C TRP A 112 6.07 10.04 -5.60
N TYR A 113 5.37 9.20 -4.82
CA TYR A 113 5.90 7.90 -4.39
C TYR A 113 6.23 7.00 -5.60
N GLN A 114 5.30 6.98 -6.55
CA GLN A 114 5.48 6.22 -7.77
C GLN A 114 6.64 6.77 -8.57
N LEU A 115 6.73 8.11 -8.67
CA LEU A 115 7.88 8.67 -9.37
C LEU A 115 9.18 8.33 -8.62
N SER A 116 9.16 8.28 -7.29
CA SER A 116 10.37 7.95 -6.54
C SER A 116 10.84 6.52 -6.88
N GLU A 117 9.92 5.57 -6.98
CA GLU A 117 10.26 4.18 -7.30
C GLU A 117 10.75 4.10 -8.76
N TRP A 118 10.07 4.76 -9.70
CA TRP A 118 10.51 4.74 -11.08
C TRP A 118 11.84 5.45 -11.30
N MET A 119 12.09 6.53 -10.54
CA MET A 119 13.37 7.19 -10.58
C MET A 119 14.48 6.26 -10.14
N LYS A 120 14.28 5.57 -9.00
CA LYS A 120 15.19 4.53 -8.51
C LYS A 120 15.45 3.51 -9.62
N GLU A 121 14.36 3.08 -10.25
CA GLU A 121 14.40 2.06 -11.30
C GLU A 121 15.00 2.62 -12.59
N GLY A 122 14.96 3.94 -12.80
CA GLY A 122 15.41 4.56 -14.03
C GLY A 122 14.37 4.44 -15.16
N ILE A 123 13.10 4.21 -14.79
CA ILE A 123 11.96 4.33 -15.68
C ILE A 123 11.59 5.80 -15.83
N VAL A 124 11.92 6.61 -14.80
CA VAL A 124 11.87 8.06 -14.88
C VAL A 124 13.26 8.62 -14.69
N ALA A 125 13.61 9.62 -15.49
CA ALA A 125 14.84 10.40 -15.36
C ALA A 125 15.19 10.69 -13.89
N PRO A 126 16.26 10.07 -13.31
CA PRO A 126 16.54 10.20 -11.88
C PRO A 126 17.25 11.53 -11.67
N ILE A 127 17.47 11.85 -10.39
CA ILE A 127 18.38 12.90 -10.02
C ILE A 127 19.76 12.46 -10.50
N PRO A 128 20.48 13.27 -11.30
CA PRO A 128 21.81 12.91 -11.82
C PRO A 128 22.69 12.31 -10.76
N GLU A 129 23.41 11.23 -11.10
CA GLU A 129 24.28 10.52 -10.15
C GLU A 129 25.32 11.53 -9.62
N GLY A 130 25.52 11.56 -8.30
CA GLY A 130 26.40 12.49 -7.63
C GLY A 130 26.03 13.98 -7.73
N TYR A 131 24.73 14.27 -8.01
CA TYR A 131 24.24 15.64 -8.00
C TYR A 131 24.47 16.21 -6.59
N LYS A 132 24.93 17.44 -6.55
CA LYS A 132 25.35 18.10 -5.34
C LYS A 132 24.64 19.45 -5.28
N LEU A 133 23.94 19.72 -4.17
CA LEU A 133 23.17 20.95 -3.98
C LEU A 133 24.10 22.18 -4.00
N SER A 134 23.57 23.35 -4.38
CA SER A 134 24.14 24.65 -4.00
C SER A 134 24.32 24.78 -2.49
N GLU A 135 25.13 25.77 -2.06
CA GLU A 135 25.34 26.06 -0.63
C GLU A 135 24.01 26.39 0.07
N ASP A 136 23.08 27.06 -0.64
CA ASP A 136 21.74 27.40 -0.18
C ASP A 136 20.84 26.16 -0.09
N GLY A 137 20.83 25.31 -1.13
CA GLY A 137 20.15 24.03 -1.10
C GLY A 137 20.60 23.16 0.07
N SER A 138 21.92 23.03 0.19
CA SER A 138 22.54 22.28 1.28
C SER A 138 22.06 22.80 2.61
N ASP A 139 21.96 24.15 2.76
CA ASP A 139 21.50 24.73 4.02
C ASP A 139 20.03 24.44 4.33
N VAL A 140 19.14 24.48 3.31
CA VAL A 140 17.75 24.09 3.50
C VAL A 140 17.66 22.63 3.95
N LEU A 141 18.48 21.78 3.30
CA LEU A 141 18.49 20.37 3.66
C LEU A 141 18.96 20.19 5.09
N GLU A 142 20.04 20.87 5.57
CA GLU A 142 20.45 20.66 6.96
C GLU A 142 19.35 21.15 7.92
N ALA A 143 18.63 22.23 7.58
CA ALA A 143 17.52 22.76 8.39
C ALA A 143 16.41 21.73 8.58
N ILE A 144 15.98 21.12 7.45
CA ILE A 144 15.13 19.92 7.46
C ILE A 144 15.65 18.85 8.42
N ARG A 145 16.89 18.40 8.19
CA ARG A 145 17.51 17.36 9.01
C ARG A 145 17.53 17.67 10.50
N GLN A 146 17.60 18.95 10.90
CA GLN A 146 17.57 19.29 12.32
C GLN A 146 16.19 19.05 12.94
N LEU A 147 15.10 18.94 12.14
CA LEU A 147 13.77 18.81 12.69
C LEU A 147 13.57 17.40 13.19
N GLU A 148 12.68 17.26 14.17
CA GLU A 148 12.07 15.97 14.48
C GLU A 148 11.51 15.31 13.22
N GLY A 149 11.52 13.98 13.17
CA GLY A 149 11.07 13.22 12.02
C GLY A 149 9.67 13.59 11.52
N GLY A 150 8.71 13.77 12.45
CA GLY A 150 7.37 14.18 12.07
C GLY A 150 7.32 15.54 11.39
N GLN A 151 8.21 16.43 11.82
CA GLN A 151 8.23 17.80 11.33
C GLN A 151 8.85 17.87 9.94
N GLN A 152 9.82 16.98 9.69
CA GLN A 152 10.37 16.81 8.36
C GLN A 152 9.27 16.36 7.44
N LEU A 153 8.50 15.35 7.85
CA LEU A 153 7.36 14.90 7.04
C LEU A 153 6.38 16.04 6.76
N SER A 154 6.18 16.95 7.73
CA SER A 154 5.37 18.13 7.55
C SER A 154 5.90 19.05 6.48
N VAL A 155 7.23 19.19 6.45
CA VAL A 155 7.87 19.94 5.40
C VAL A 155 7.55 19.30 4.06
N LEU A 156 7.78 17.98 3.95
CA LEU A 156 7.59 17.28 2.67
C LEU A 156 6.13 17.43 2.24
N ARG A 157 5.21 17.13 3.14
CA ARG A 157 3.78 17.25 2.88
C ARG A 157 3.39 18.65 2.39
N ASP A 158 3.86 19.69 3.13
CA ASP A 158 3.63 21.07 2.76
C ASP A 158 4.11 21.31 1.34
N ILE A 159 5.35 20.91 1.02
CA ILE A 159 5.88 21.20 -0.31
C ILE A 159 5.03 20.47 -1.38
N VAL A 160 4.68 19.21 -1.14
CA VAL A 160 4.03 18.38 -2.15
C VAL A 160 2.68 18.95 -2.56
N VAL A 161 1.87 19.29 -1.57
CA VAL A 161 0.53 19.79 -1.82
C VAL A 161 0.55 21.19 -2.44
N ASN A 162 1.66 21.96 -2.30
CA ASN A 162 1.76 23.26 -2.94
C ASN A 162 2.48 23.23 -4.30
N MET A 163 2.96 22.08 -4.79
CA MET A 163 3.37 21.98 -6.19
C MET A 163 2.20 22.09 -7.20
N GLY A 164 2.55 22.32 -8.46
CA GLY A 164 1.60 22.51 -9.54
C GLY A 164 0.99 23.90 -9.50
N TYR A 165 -0.19 24.07 -10.12
CA TYR A 165 -0.86 25.38 -10.20
C TYR A 165 -1.39 25.80 -8.83
N VAL A 166 -1.34 27.11 -8.53
CA VAL A 166 -1.91 27.72 -7.33
C VAL A 166 -2.96 28.77 -7.74
N LYS A 172 -10.92 23.37 -5.93
CA LYS A 172 -11.82 22.23 -5.65
C LYS A 172 -11.03 20.93 -5.87
N LYS A 173 -10.59 20.25 -4.78
CA LYS A 173 -9.84 19.00 -4.81
C LYS A 173 -10.81 17.82 -4.69
N VAL A 174 -11.15 17.21 -5.84
CA VAL A 174 -12.35 16.40 -6.02
C VAL A 174 -11.99 14.96 -6.44
N LYS A 175 -10.87 14.82 -7.18
CA LYS A 175 -10.23 13.57 -7.49
C LYS A 175 -9.50 12.96 -6.28
N GLU A 176 -10.27 12.36 -5.36
CA GLU A 176 -9.83 11.52 -4.26
C GLU A 176 -10.87 10.41 -4.05
N PRO A 177 -10.53 9.28 -3.37
CA PRO A 177 -11.53 8.28 -3.01
C PRO A 177 -12.54 8.74 -1.94
N VAL A 178 -13.76 8.16 -2.01
CA VAL A 178 -14.80 8.26 -1.00
C VAL A 178 -14.29 7.61 0.29
N VAL A 179 -14.70 8.14 1.43
CA VAL A 179 -14.20 7.66 2.71
C VAL A 179 -15.22 6.72 3.30
N PRO A 180 -14.84 5.46 3.65
CA PRO A 180 -15.69 4.60 4.45
C PRO A 180 -15.43 4.93 5.92
N PRO A 181 -16.48 5.36 6.69
CA PRO A 181 -16.37 5.42 8.15
C PRO A 181 -16.09 4.04 8.74
N LYS A 182 -15.44 3.93 9.90
CA LYS A 182 -15.28 2.62 10.52
C LYS A 182 -16.62 2.04 10.92
N ASP A 183 -16.69 0.70 10.93
CA ASP A 183 -17.75 -0.06 11.57
C ASP A 183 -18.03 0.52 12.95
N LEU A 184 -19.29 0.45 13.39
CA LEU A 184 -19.68 0.88 14.73
C LEU A 184 -19.06 0.00 15.81
N ALA A 185 -18.78 -1.28 15.47
CA ALA A 185 -18.20 -2.23 16.39
C ALA A 185 -16.70 -2.03 16.57
N SER A 186 -16.05 -1.18 15.73
CA SER A 186 -14.60 -1.04 15.65
C SER A 186 -14.10 0.37 16.03
N ARG A 187 -14.91 1.15 16.76
CA ARG A 187 -14.56 2.52 17.13
C ARG A 187 -14.01 2.62 18.55
N SER A 188 -13.32 3.72 18.86
CA SER A 188 -12.61 3.96 20.11
C SER A 188 -13.13 5.25 20.75
N LYS A 189 -13.33 5.24 22.08
CA LYS A 189 -13.76 6.38 22.87
C LYS A 189 -12.51 7.03 23.47
N SER A 190 -12.24 8.26 23.05
CA SER A 190 -11.25 9.16 23.61
C SER A 190 -11.49 9.41 25.11
N SER A 191 -10.37 9.47 25.84
CA SER A 191 -10.23 9.93 27.20
C SER A 191 -9.12 11.01 27.24
N ILE A 192 -9.42 12.23 27.73
CA ILE A 192 -8.53 13.38 27.76
C ILE A 192 -8.46 13.88 29.20
N GLU A 193 -7.25 13.88 29.79
CA GLU A 193 -7.06 14.37 31.15
C GLU A 193 -7.36 15.87 31.25
N GLY A 194 -8.29 16.21 32.18
CA GLY A 194 -8.64 17.57 32.57
C GLY A 194 -9.87 18.12 31.85
N ILE A 195 -10.50 17.32 30.97
CA ILE A 195 -11.44 17.77 29.94
C ILE A 195 -12.52 16.71 29.85
N ASP A 196 -13.79 17.13 29.95
CA ASP A 196 -14.98 16.32 29.73
C ASP A 196 -15.88 16.94 28.64
N ASN A 197 -15.36 17.89 27.87
CA ASN A 197 -16.20 18.70 27.00
C ASN A 197 -16.78 17.76 25.93
N PRO A 198 -18.10 17.58 25.82
CA PRO A 198 -18.67 16.63 24.86
C PRO A 198 -18.46 16.95 23.36
N THR A 199 -18.41 18.22 22.97
CA THR A 199 -18.04 18.62 21.61
C THR A 199 -16.62 18.12 21.28
N VAL A 200 -15.66 18.34 22.20
CA VAL A 200 -14.25 18.06 21.95
C VAL A 200 -14.09 16.54 21.81
N LEU A 201 -14.67 15.76 22.74
CA LEU A 201 -14.62 14.31 22.71
C LEU A 201 -15.29 13.72 21.47
N SER A 202 -16.39 14.33 21.05
CA SER A 202 -17.09 13.95 19.84
C SER A 202 -16.25 14.27 18.62
N TYR A 203 -15.57 15.44 18.58
CA TYR A 203 -14.69 15.74 17.49
C TYR A 203 -13.63 14.66 17.39
N MET A 204 -12.97 14.35 18.53
CA MET A 204 -11.93 13.36 18.52
C MET A 204 -12.45 12.00 18.06
N ASP A 205 -13.61 11.57 18.57
CA ASP A 205 -14.11 10.23 18.29
C ASP A 205 -14.57 10.08 16.84
N ASN A 206 -15.29 11.07 16.33
CA ASN A 206 -15.73 11.09 14.96
C ASN A 206 -14.57 11.10 13.96
N MET A 207 -13.53 11.90 14.30
CA MET A 207 -12.37 12.00 13.44
C MET A 207 -11.67 10.67 13.43
N ASN A 208 -11.49 10.07 14.59
CA ASN A 208 -10.87 8.76 14.68
C ASN A 208 -11.64 7.67 13.94
N ALA A 209 -12.97 7.70 13.92
CA ALA A 209 -13.80 6.74 13.18
C ALA A 209 -13.97 7.07 11.68
N PHE A 210 -13.44 8.20 11.22
CA PHE A 210 -13.57 8.66 9.84
C PHE A 210 -15.02 8.97 9.48
N ASP A 211 -15.76 9.47 10.47
CA ASP A 211 -17.14 9.88 10.31
C ASP A 211 -17.17 11.39 10.22
N PHE A 212 -16.91 11.88 9.01
CA PHE A 212 -16.70 13.29 8.78
C PHE A 212 -18.05 14.03 8.69
N GLN A 213 -19.17 13.36 8.34
CA GLN A 213 -20.49 13.99 8.47
C GLN A 213 -20.81 14.27 9.94
N ALA A 214 -20.50 13.33 10.83
CA ALA A 214 -20.79 13.56 12.25
C ALA A 214 -19.83 14.60 12.86
N ALA A 215 -18.59 14.73 12.35
CA ALA A 215 -17.62 15.73 12.81
C ALA A 215 -17.99 17.11 12.31
N VAL A 216 -18.35 17.23 11.02
CA VAL A 216 -18.82 18.49 10.47
C VAL A 216 -20.07 18.96 11.23
N ALA A 217 -20.91 18.05 11.74
CA ALA A 217 -22.13 18.42 12.44
C ALA A 217 -21.82 19.16 13.74
N LEU A 218 -20.59 19.07 14.28
CA LEU A 218 -20.22 19.77 15.50
C LEU A 218 -19.94 21.26 15.27
N PHE A 219 -19.78 21.72 14.02
CA PHE A 219 -19.37 23.10 13.78
C PHE A 219 -20.59 24.02 13.68
N ALA A 220 -20.40 25.31 14.05
CA ALA A 220 -21.30 26.38 13.66
C ALA A 220 -21.41 26.51 12.14
N GLU A 221 -22.41 27.27 11.68
N GLU A 221 -22.42 27.26 11.67
CA GLU A 221 -22.64 27.50 10.26
CA GLU A 221 -22.61 27.49 10.25
C GLU A 221 -21.47 28.31 9.65
C GLU A 221 -21.45 28.30 9.64
N ASP A 222 -20.93 29.29 10.38
CA ASP A 222 -19.73 30.02 9.99
C ASP A 222 -18.49 29.51 10.75
N GLY A 223 -18.48 28.26 11.19
CA GLY A 223 -17.35 27.74 11.92
C GLY A 223 -16.21 27.36 10.97
N ALA A 224 -15.05 27.05 11.55
CA ALA A 224 -13.84 27.01 10.77
C ALA A 224 -12.87 26.00 11.35
N LEU A 225 -12.14 25.33 10.44
CA LEU A 225 -11.06 24.42 10.79
C LEU A 225 -9.78 24.97 10.15
N LYS A 226 -8.77 25.22 10.97
CA LYS A 226 -7.51 25.80 10.52
C LYS A 226 -6.42 24.74 10.63
N PRO A 227 -5.93 24.20 9.49
CA PRO A 227 -4.87 23.22 9.54
C PRO A 227 -3.57 23.91 9.92
N PRO A 228 -2.55 23.11 10.26
CA PRO A 228 -1.19 23.64 10.42
C PRO A 228 -0.68 24.35 9.16
N PHE A 229 -0.27 25.61 9.38
CA PHE A 229 0.40 26.49 8.47
C PHE A 229 -0.51 26.89 7.32
N GLU A 230 -1.84 26.70 7.42
CA GLU A 230 -2.75 27.00 6.32
C GLU A 230 -3.83 27.89 6.89
N GLU A 231 -4.54 28.55 5.97
CA GLU A 231 -5.69 29.38 6.31
C GLU A 231 -6.88 28.56 6.81
N PRO A 232 -7.75 29.09 7.71
CA PRO A 232 -8.99 28.42 8.07
C PRO A 232 -9.88 28.08 6.87
N ILE A 233 -10.54 26.92 6.98
CA ILE A 233 -11.53 26.41 6.06
C ILE A 233 -12.86 26.64 6.73
N VAL A 234 -13.77 27.34 6.03
CA VAL A 234 -14.89 28.03 6.65
C VAL A 234 -16.13 27.40 6.04
N GLY A 235 -16.98 26.83 6.93
CA GLY A 235 -18.30 26.35 6.60
C GLY A 235 -18.30 24.84 6.43
N LYS A 236 -19.47 24.20 6.66
CA LYS A 236 -19.58 22.76 6.68
C LYS A 236 -19.20 22.10 5.34
N GLU A 237 -19.65 22.65 4.21
CA GLU A 237 -19.37 22.03 2.93
CA GLU A 237 -19.38 22.03 2.91
C GLU A 237 -17.86 22.00 2.73
N ASN A 238 -17.18 23.14 2.96
CA ASN A 238 -15.74 23.28 2.83
C ASN A 238 -14.98 22.41 3.83
N ILE A 239 -15.46 22.31 5.07
CA ILE A 239 -14.76 21.51 6.06
C ILE A 239 -14.86 20.03 5.69
N LEU A 240 -16.07 19.57 5.30
CA LEU A 240 -16.31 18.18 4.91
C LEU A 240 -15.40 17.80 3.73
N ALA A 241 -15.36 18.65 2.70
CA ALA A 241 -14.47 18.50 1.55
C ALA A 241 -13.00 18.32 1.92
N TYR A 242 -12.50 19.12 2.86
CA TYR A 242 -11.14 19.03 3.36
C TYR A 242 -10.91 17.72 4.10
N MET A 243 -11.83 17.36 4.99
CA MET A 243 -11.75 16.14 5.77
C MET A 243 -11.72 14.94 4.85
N ASN A 244 -12.58 14.92 3.80
CA ASN A 244 -12.56 13.86 2.79
C ASN A 244 -11.20 13.73 2.10
N GLU A 245 -10.56 14.88 1.80
CA GLU A 245 -9.24 14.94 1.20
C GLU A 245 -8.15 14.37 2.13
N GLN A 246 -8.13 14.70 3.41
CA GLN A 246 -6.88 14.59 4.20
C GLN A 246 -7.00 13.74 5.47
N CYS A 247 -8.19 13.55 6.03
CA CYS A 247 -8.32 13.02 7.38
C CYS A 247 -8.52 11.51 7.44
N TYR A 248 -8.71 10.83 6.30
CA TYR A 248 -8.74 9.39 6.29
C TYR A 248 -7.43 8.79 6.80
N GLY A 249 -7.57 7.78 7.69
CA GLY A 249 -6.46 6.98 8.24
C GLY A 249 -5.77 7.54 9.46
N LEU A 250 -6.04 8.79 9.86
CA LEU A 250 -5.41 9.37 11.04
C LEU A 250 -5.83 8.62 12.30
N LYS A 251 -4.85 8.41 13.20
CA LYS A 251 -5.04 8.04 14.58
C LYS A 251 -4.68 9.24 15.44
N LEU A 252 -5.71 9.86 16.06
CA LEU A 252 -5.60 11.02 16.94
C LEU A 252 -5.51 10.44 18.34
N THR A 253 -4.49 10.87 19.07
CA THR A 253 -4.33 10.49 20.45
C THR A 253 -4.35 11.79 21.26
N PRO A 254 -5.53 12.39 21.52
CA PRO A 254 -5.58 13.55 22.44
C PRO A 254 -5.27 13.06 23.86
N GLN A 255 -4.40 13.76 24.59
CA GLN A 255 -3.88 13.23 25.85
C GLN A 255 -4.28 14.11 27.04
N GLN A 256 -4.17 15.44 26.91
CA GLN A 256 -4.50 16.35 27.99
C GLN A 256 -5.17 17.59 27.45
N GLY A 257 -5.81 18.37 28.32
CA GLY A 257 -6.13 19.74 27.97
C GLY A 257 -6.71 20.56 29.10
N VAL A 258 -7.19 21.76 28.70
CA VAL A 258 -7.74 22.72 29.64
C VAL A 258 -8.92 23.44 29.00
N SER A 259 -9.93 23.76 29.81
CA SER A 259 -11.10 24.51 29.38
C SER A 259 -11.12 25.78 30.20
N GLU A 260 -11.52 26.89 29.56
CA GLU A 260 -11.69 28.17 30.24
C GLU A 260 -12.92 28.81 29.64
N SER A 261 -13.63 29.66 30.37
CA SER A 261 -14.68 30.44 29.75
C SER A 261 -14.01 31.55 28.98
N ALA A 262 -14.69 31.98 27.89
CA ALA A 262 -14.24 33.06 27.08
C ALA A 262 -15.38 34.08 27.05
N ALA A 263 -15.08 35.20 26.41
CA ALA A 263 -16.00 36.33 26.37
C ALA A 263 -17.37 35.89 25.80
N GLY A 264 -18.47 36.29 26.48
CA GLY A 264 -19.80 36.23 25.87
C GLY A 264 -20.34 34.80 25.81
N GLU A 265 -20.01 34.05 26.86
CA GLU A 265 -20.46 32.69 27.12
C GLU A 265 -19.87 31.71 26.10
N PHE A 266 -18.82 32.10 25.32
CA PHE A 266 -18.06 31.16 24.50
C PHE A 266 -17.18 30.39 25.49
N THR A 267 -16.72 29.23 25.10
CA THR A 267 -15.81 28.39 25.89
C THR A 267 -14.58 28.13 25.01
N GLN A 268 -13.38 28.20 25.60
CA GLN A 268 -12.14 28.01 24.88
C GLN A 268 -11.51 26.78 25.49
N VAL A 269 -11.07 25.84 24.62
CA VAL A 269 -10.55 24.56 25.06
C VAL A 269 -9.24 24.27 24.32
N LYS A 270 -8.15 24.06 25.05
CA LYS A 270 -6.89 23.61 24.47
C LYS A 270 -6.67 22.15 24.80
N VAL A 271 -6.41 21.31 23.77
CA VAL A 271 -5.95 19.93 23.93
C VAL A 271 -4.59 19.78 23.29
N THR A 272 -3.74 18.96 23.94
CA THR A 272 -2.50 18.55 23.31
C THR A 272 -2.48 17.03 23.22
N GLY A 273 -1.65 16.55 22.28
CA GLY A 273 -1.58 15.14 21.95
C GLY A 273 -0.69 14.87 20.74
N ARG A 274 -1.04 13.78 20.06
CA ARG A 274 -0.26 13.23 18.96
C ARG A 274 -1.27 12.95 17.82
N VAL A 275 -0.87 13.06 16.56
CA VAL A 275 -1.56 12.40 15.46
C VAL A 275 -0.56 11.44 14.82
N GLN A 276 -1.05 10.31 14.33
CA GLN A 276 -0.30 9.48 13.38
C GLN A 276 -1.03 9.50 12.05
N SER A 277 -0.30 9.89 11.01
CA SER A 277 -0.77 9.82 9.64
C SER A 277 -0.67 8.36 9.21
N PRO A 278 -1.56 7.89 8.30
CA PRO A 278 -1.38 6.55 7.71
C PRO A 278 -0.10 6.39 6.87
N TRP A 279 0.52 7.53 6.50
CA TRP A 279 1.81 7.56 5.90
C TRP A 279 2.97 7.35 6.88
N PHE A 280 2.78 7.47 8.20
CA PHE A 280 3.88 7.41 9.14
C PHE A 280 4.19 6.00 9.65
N GLY A 281 5.46 5.78 9.99
CA GLY A 281 5.89 4.59 10.71
C GLY A 281 5.43 4.55 12.16
N ASP A 282 5.52 3.33 12.72
CA ASP A 282 5.76 2.99 14.12
C ASP A 282 6.45 4.14 14.86
N ASN A 283 5.80 4.76 15.85
CA ASN A 283 6.41 5.66 16.83
C ASN A 283 6.62 7.05 16.26
N VAL A 284 6.37 7.27 14.96
CA VAL A 284 6.26 8.62 14.47
C VAL A 284 4.88 9.08 14.91
N GLY A 285 4.90 10.17 15.69
CA GLY A 285 3.76 11.04 15.84
C GLY A 285 4.25 12.48 15.82
N LEU A 286 3.41 13.36 15.27
CA LEU A 286 3.53 14.76 15.51
C LEU A 286 2.84 15.08 16.81
N ASN A 287 3.53 15.86 17.66
CA ASN A 287 2.88 16.47 18.78
C ASN A 287 2.02 17.62 18.24
N LEU A 288 0.72 17.65 18.59
CA LEU A 288 -0.20 18.67 18.15
C LEU A 288 -0.78 19.41 19.33
N ALA A 289 -1.22 20.66 19.04
CA ALA A 289 -2.29 21.30 19.79
C ALA A 289 -3.57 21.34 18.96
N TRP A 290 -4.73 21.07 19.60
CA TRP A 290 -6.03 21.52 19.15
C TRP A 290 -6.49 22.62 20.09
N ARG A 291 -6.73 23.81 19.56
CA ARG A 291 -7.33 24.91 20.29
C ARG A 291 -8.74 25.15 19.77
N PHE A 292 -9.75 24.90 20.62
CA PHE A 292 -11.15 25.05 20.23
C PHE A 292 -11.68 26.38 20.72
N LEU A 293 -12.49 27.06 19.89
CA LEU A 293 -13.42 28.04 20.42
C LEU A 293 -14.84 27.54 20.12
N LEU A 294 -15.61 27.32 21.18
CA LEU A 294 -16.97 26.82 21.12
C LEU A 294 -17.91 27.96 21.49
N ASN A 295 -18.93 28.20 20.64
CA ASN A 295 -19.96 29.20 20.88
C ASN A 295 -20.83 28.76 22.05
N PRO A 296 -21.74 29.62 22.60
CA PRO A 296 -22.56 29.21 23.76
C PRO A 296 -23.44 27.96 23.57
N GLN A 297 -23.77 27.60 22.31
CA GLN A 297 -24.55 26.41 21.96
C GLN A 297 -23.67 25.15 21.88
N GLY A 298 -22.32 25.27 22.10
CA GLY A 298 -21.38 24.14 22.18
C GLY A 298 -20.79 23.75 20.83
N GLU A 299 -21.07 24.50 19.76
CA GLU A 299 -20.61 24.17 18.42
C GLU A 299 -19.24 24.80 18.19
N ILE A 300 -18.45 24.18 17.31
CA ILE A 300 -17.11 24.67 17.06
C ILE A 300 -17.21 25.93 16.19
N PHE A 301 -16.81 27.09 16.73
CA PHE A 301 -16.61 28.27 15.94
C PHE A 301 -15.24 28.22 15.27
N LEU A 302 -14.22 27.76 15.99
CA LEU A 302 -12.90 27.48 15.41
C LEU A 302 -12.33 26.28 16.11
N VAL A 303 -11.71 25.39 15.33
CA VAL A 303 -10.70 24.53 15.86
C VAL A 303 -9.43 24.80 15.09
N ALA A 304 -8.31 25.01 15.79
CA ALA A 304 -7.04 25.31 15.13
C ALA A 304 -6.07 24.20 15.50
N ILE A 305 -5.56 23.53 14.46
CA ILE A 305 -4.65 22.42 14.68
C ILE A 305 -3.24 22.94 14.35
N ASP A 306 -2.29 22.72 15.27
CA ASP A 306 -0.92 23.18 15.06
C ASP A 306 0.04 22.07 15.39
N VAL A 307 1.12 21.94 14.60
CA VAL A 307 2.28 21.13 14.98
C VAL A 307 3.10 21.86 16.05
N LEU A 308 3.39 21.24 17.19
CA LEU A 308 4.07 21.88 18.31
C LEU A 308 5.57 21.93 18.07
N ALA A 309 6.22 23.02 18.53
CA ALA A 309 7.65 23.23 18.36
C ALA A 309 8.47 22.08 18.95
N SER A 310 8.15 21.63 20.17
CA SER A 310 8.88 20.58 20.87
C SER A 310 7.93 19.82 21.80
N PRO A 311 8.26 18.61 22.32
CA PRO A 311 7.38 17.90 23.24
C PRO A 311 7.03 18.66 24.54
N LYS A 312 7.90 19.59 24.98
CA LYS A 312 7.62 20.51 26.08
C LYS A 312 6.25 21.18 25.96
N GLU A 313 5.87 21.59 24.74
CA GLU A 313 4.55 22.17 24.52
C GLU A 313 3.34 21.26 24.86
N LEU A 314 3.49 19.92 24.97
CA LEU A 314 2.35 19.09 25.33
C LEU A 314 1.73 19.50 26.67
N MET A 315 2.55 19.85 27.65
CA MET A 315 2.08 20.24 28.98
C MET A 315 1.99 21.76 29.19
N ASN A 316 2.05 22.57 28.13
CA ASN A 316 1.86 24.00 28.23
C ASN A 316 0.36 24.29 28.10
N LEU A 317 -0.37 24.37 29.22
CA LEU A 317 -1.83 24.24 29.21
C LEU A 317 -2.48 25.32 30.07
N GLY A 318 -2.28 25.27 31.39
CA GLY A 318 -2.90 26.18 32.33
C GLY A 318 -2.24 27.56 32.31
N LEU A 319 -2.91 28.53 32.94
CA LEU A 319 -2.77 29.96 32.66
C LEU A 319 -2.30 30.69 33.93
N SER B 1 14.63 -41.59 -23.21
CA SER B 1 14.85 -40.60 -24.31
C SER B 1 16.29 -40.07 -24.32
N HIS B 2 17.27 -40.96 -24.01
CA HIS B 2 18.71 -40.68 -23.97
C HIS B 2 19.09 -39.49 -23.08
N MET B 3 18.37 -39.28 -21.96
CA MET B 3 18.51 -38.13 -21.06
C MET B 3 18.49 -38.65 -19.62
N THR B 4 19.40 -38.14 -18.74
CA THR B 4 19.52 -38.63 -17.37
C THR B 4 18.21 -38.42 -16.57
N PHE B 5 17.58 -37.26 -16.77
CA PHE B 5 16.34 -36.86 -16.13
C PHE B 5 15.39 -36.23 -17.16
N THR B 6 14.10 -36.50 -17.01
CA THR B 6 13.03 -35.65 -17.50
C THR B 6 12.60 -34.70 -16.38
N ILE B 7 11.85 -33.65 -16.74
CA ILE B 7 11.23 -32.81 -15.72
C ILE B 7 10.25 -33.62 -14.86
N ASP B 8 9.50 -34.58 -15.46
CA ASP B 8 8.59 -35.51 -14.77
CA ASP B 8 8.58 -35.34 -14.64
C ASP B 8 9.35 -36.22 -13.65
N SER B 9 10.42 -36.92 -14.07
CA SER B 9 11.24 -37.72 -13.16
C SER B 9 12.01 -36.89 -12.16
N ALA B 10 12.58 -35.76 -12.61
CA ALA B 10 13.17 -34.78 -11.69
C ALA B 10 12.28 -34.41 -10.52
N ARG B 11 10.95 -34.32 -10.76
CA ARG B 11 10.01 -33.91 -9.73
C ARG B 11 9.92 -34.88 -8.55
N SER B 12 10.40 -36.12 -8.63
CA SER B 12 10.39 -37.04 -7.50
C SER B 12 11.51 -36.79 -6.49
N ILE B 13 12.45 -35.85 -6.72
CA ILE B 13 13.48 -35.61 -5.71
C ILE B 13 12.87 -35.21 -4.37
N PHE B 14 13.58 -35.60 -3.31
CA PHE B 14 13.20 -35.33 -1.93
C PHE B 14 11.76 -35.74 -1.63
N PRO B 15 11.42 -37.05 -1.75
CA PRO B 15 10.04 -37.51 -1.68
C PRO B 15 9.30 -37.27 -0.36
N ASN B 16 10.03 -37.08 0.75
CA ASN B 16 9.43 -36.94 2.07
C ASN B 16 9.09 -35.50 2.39
C ASN B 16 9.30 -35.45 2.32
N THR B 17 8.74 -34.70 1.36
CA THR B 17 8.42 -33.29 1.52
C THR B 17 6.90 -33.25 1.64
N GLN B 18 6.36 -32.92 2.84
CA GLN B 18 4.92 -32.85 3.03
C GLN B 18 4.43 -31.45 2.66
N VAL B 19 3.61 -31.39 1.60
CA VAL B 19 2.97 -30.18 1.16
C VAL B 19 1.60 -30.01 1.84
N ALA B 20 1.09 -28.79 1.82
CA ALA B 20 -0.21 -28.46 2.39
C ALA B 20 -1.30 -28.89 1.42
N ASP B 21 -1.70 -30.18 1.46
CA ASP B 21 -2.65 -30.72 0.50
C ASP B 21 -4.01 -30.04 0.63
N ALA B 22 -4.33 -29.50 1.83
CA ALA B 22 -5.61 -28.85 2.04
C ALA B 22 -5.76 -27.56 1.22
N ILE B 23 -4.65 -26.90 0.85
CA ILE B 23 -4.76 -25.70 0.04
C ILE B 23 -5.46 -26.03 -1.27
N PRO B 24 -4.93 -26.91 -2.15
CA PRO B 24 -5.61 -27.18 -3.41
C PRO B 24 -6.98 -27.85 -3.27
N ALA B 25 -7.12 -28.73 -2.26
CA ALA B 25 -8.37 -29.38 -1.93
C ALA B 25 -9.49 -28.36 -1.66
N THR B 26 -9.18 -27.33 -0.87
CA THR B 26 -10.09 -26.22 -0.58
C THR B 26 -10.40 -25.40 -1.83
N VAL B 27 -9.39 -25.05 -2.63
CA VAL B 27 -9.59 -24.29 -3.86
C VAL B 27 -10.56 -25.04 -4.82
N ALA B 28 -10.34 -26.36 -4.96
CA ALA B 28 -11.18 -27.21 -5.79
C ALA B 28 -12.57 -27.34 -5.19
N ALA B 29 -12.70 -27.65 -3.90
CA ALA B 29 -14.00 -27.75 -3.24
C ALA B 29 -14.82 -26.44 -3.28
N PHE B 30 -14.11 -25.29 -3.13
CA PHE B 30 -14.73 -23.97 -3.28
C PHE B 30 -15.43 -23.78 -4.62
N ASN B 31 -14.92 -24.41 -5.70
CA ASN B 31 -15.55 -24.37 -7.01
C ASN B 31 -16.89 -25.09 -7.09
N GLN B 32 -17.24 -25.94 -6.13
CA GLN B 32 -18.53 -26.62 -6.06
C GLN B 32 -19.62 -25.75 -5.43
N LEU B 33 -19.32 -24.53 -4.90
CA LEU B 33 -20.33 -23.68 -4.27
C LEU B 33 -20.98 -22.79 -5.34
N SER B 34 -22.16 -22.27 -5.00
CA SER B 34 -22.84 -21.29 -5.83
C SER B 34 -22.04 -19.97 -5.86
N ALA B 35 -22.24 -19.19 -6.91
CA ALA B 35 -21.56 -17.91 -7.09
C ALA B 35 -21.76 -16.97 -5.89
N GLU B 36 -22.96 -16.98 -5.31
CA GLU B 36 -23.32 -16.11 -4.18
CA GLU B 36 -23.30 -16.08 -4.20
C GLU B 36 -22.48 -16.50 -2.96
N ASP B 37 -22.42 -17.81 -2.65
CA ASP B 37 -21.62 -18.27 -1.52
C ASP B 37 -20.13 -18.02 -1.74
N GLN B 38 -19.68 -18.20 -2.99
CA GLN B 38 -18.30 -17.94 -3.36
C GLN B 38 -17.86 -16.50 -3.01
N LEU B 39 -18.65 -15.49 -3.39
CA LEU B 39 -18.31 -14.11 -3.18
C LEU B 39 -18.33 -13.71 -1.71
N ALA B 40 -19.42 -14.11 -1.03
CA ALA B 40 -19.58 -13.91 0.40
C ALA B 40 -18.38 -14.49 1.18
N LEU B 41 -17.96 -15.68 0.80
CA LEU B 41 -16.94 -16.42 1.54
C LEU B 41 -15.60 -15.69 1.46
N LEU B 42 -15.27 -15.25 0.24
CA LEU B 42 -14.08 -14.48 -0.04
C LEU B 42 -14.12 -13.15 0.73
N TRP B 43 -15.29 -12.49 0.77
CA TRP B 43 -15.48 -11.31 1.62
C TRP B 43 -15.06 -11.62 3.07
N PHE B 44 -15.58 -12.71 3.63
CA PHE B 44 -15.36 -13.03 5.04
C PHE B 44 -13.91 -13.42 5.28
N ALA B 45 -13.35 -14.16 4.32
CA ALA B 45 -11.98 -14.61 4.36
C ALA B 45 -11.00 -13.45 4.19
N TYR B 46 -11.27 -12.53 3.26
CA TYR B 46 -10.43 -11.37 3.04
C TYR B 46 -10.44 -10.45 4.28
N THR B 47 -11.65 -10.06 4.67
CA THR B 47 -11.94 -9.18 5.80
C THR B 47 -11.37 -9.73 7.11
N GLU B 48 -11.45 -11.03 7.33
CA GLU B 48 -10.84 -11.71 8.47
C GLU B 48 -9.36 -11.40 8.68
N MET B 49 -8.62 -11.15 7.59
CA MET B 49 -7.24 -10.68 7.73
C MET B 49 -7.25 -9.22 8.25
N GLY B 50 -6.17 -8.76 8.88
CA GLY B 50 -5.71 -7.37 8.78
C GLY B 50 -4.25 -7.31 8.32
N THR B 51 -3.78 -8.46 7.81
CA THR B 51 -2.39 -8.80 7.54
C THR B 51 -2.21 -9.10 6.04
N THR B 52 -3.10 -8.56 5.19
CA THR B 52 -2.78 -8.26 3.82
C THR B 52 -2.39 -6.79 3.81
N ILE B 53 -1.44 -6.40 2.95
CA ILE B 53 -1.10 -5.00 2.77
C ILE B 53 -1.20 -4.74 1.29
N THR B 54 -1.77 -3.57 1.02
CA THR B 54 -2.41 -3.32 -0.24
C THR B 54 -1.50 -3.49 -1.45
N PRO B 55 -0.15 -3.26 -1.47
CA PRO B 55 0.59 -3.23 -2.73
C PRO B 55 2.05 -3.65 -2.84
N ALA B 56 3.01 -2.73 -3.11
CA ALA B 56 4.30 -3.00 -3.73
C ALA B 56 4.20 -3.80 -5.04
N ALA B 57 3.32 -4.81 -5.04
CA ALA B 57 2.56 -5.28 -6.18
C ALA B 57 1.69 -4.23 -6.89
N MET B 58 0.76 -3.53 -6.20
CA MET B 58 -0.22 -2.65 -6.86
C MET B 58 0.49 -1.42 -7.45
N SER B 59 1.51 -0.92 -6.72
CA SER B 59 2.64 -0.19 -7.30
C SER B 59 2.79 -0.47 -8.81
N ALA B 60 3.34 0.53 -9.49
CA ALA B 60 3.09 0.86 -10.88
C ALA B 60 1.63 1.35 -11.03
N ALA B 61 1.37 1.86 -12.22
CA ALA B 61 0.13 1.58 -12.88
C ALA B 61 0.42 0.37 -13.78
N ASN B 62 0.69 -0.82 -13.18
CA ASN B 62 0.18 -2.01 -13.82
C ASN B 62 -1.29 -2.05 -13.48
N MET B 63 -1.75 -1.27 -12.49
CA MET B 63 -3.19 -1.17 -12.30
C MET B 63 -3.92 -0.48 -13.44
N ILE B 64 -3.24 0.31 -14.24
CA ILE B 64 -3.84 0.90 -15.42
C ILE B 64 -4.43 -0.18 -16.34
N PHE B 65 -3.89 -1.41 -16.35
CA PHE B 65 -4.34 -2.48 -17.24
C PHE B 65 -5.80 -2.89 -16.97
N ALA B 66 -6.23 -2.81 -15.70
CA ALA B 66 -7.60 -3.06 -15.26
C ALA B 66 -8.49 -1.82 -15.14
N GLU B 67 -7.99 -0.61 -15.45
CA GLU B 67 -8.75 0.60 -15.18
C GLU B 67 -10.08 0.65 -15.96
N ASN B 68 -10.09 0.20 -17.21
CA ASN B 68 -11.29 0.16 -18.04
C ASN B 68 -12.35 -0.77 -17.51
N THR B 69 -11.93 -1.98 -17.09
CA THR B 69 -12.84 -2.99 -16.57
C THR B 69 -13.43 -2.49 -15.24
N LEU B 70 -12.55 -2.06 -14.33
CA LEU B 70 -12.95 -1.46 -13.07
C LEU B 70 -13.94 -0.33 -13.28
N ASN B 71 -13.66 0.58 -14.23
CA ASN B 71 -14.47 1.79 -14.36
C ASN B 71 -15.83 1.41 -14.96
N GLU B 72 -15.84 0.45 -15.89
CA GLU B 72 -17.11 -0.03 -16.40
C GLU B 72 -17.91 -0.69 -15.27
N ILE B 73 -17.30 -1.46 -14.34
CA ILE B 73 -18.00 -2.04 -13.18
C ILE B 73 -18.55 -0.94 -12.27
N LYS B 74 -17.72 0.09 -12.03
CA LYS B 74 -18.07 1.26 -11.22
C LYS B 74 -19.36 1.95 -11.71
N GLN B 75 -19.50 2.07 -13.05
CA GLN B 75 -20.57 2.84 -13.67
CA GLN B 75 -20.58 2.83 -13.67
C GLN B 75 -21.88 2.03 -13.62
N MET B 76 -21.80 0.70 -13.46
CA MET B 76 -22.96 -0.17 -13.54
C MET B 76 -23.81 0.00 -12.29
N PRO B 77 -25.12 -0.26 -12.38
CA PRO B 77 -25.97 -0.36 -11.19
C PRO B 77 -25.68 -1.66 -10.47
N ALA B 78 -26.05 -1.69 -9.18
CA ALA B 78 -25.68 -2.73 -8.25
C ALA B 78 -25.94 -4.14 -8.78
N LEU B 79 -27.16 -4.42 -9.32
CA LEU B 79 -27.55 -5.73 -9.86
C LEU B 79 -26.52 -6.32 -10.83
N ASP B 80 -26.08 -5.43 -11.72
CA ASP B 80 -25.13 -5.70 -12.77
C ASP B 80 -23.76 -5.98 -12.16
N GLN B 81 -23.34 -5.17 -11.19
CA GLN B 81 -22.07 -5.32 -10.50
C GLN B 81 -21.98 -6.71 -9.91
N SER B 82 -22.98 -7.12 -9.11
CA SER B 82 -23.04 -8.45 -8.50
C SER B 82 -22.92 -9.55 -9.54
N GLN B 83 -23.68 -9.43 -10.64
CA GLN B 83 -23.72 -10.44 -11.68
C GLN B 83 -22.35 -10.63 -12.34
N VAL B 84 -21.67 -9.52 -12.64
CA VAL B 84 -20.31 -9.58 -13.19
C VAL B 84 -19.34 -10.27 -12.24
N MET B 85 -19.38 -9.91 -10.95
CA MET B 85 -18.52 -10.59 -10.00
C MET B 85 -18.86 -12.09 -9.90
N CYS B 86 -20.14 -12.46 -10.07
CA CYS B 86 -20.52 -13.88 -10.14
C CYS B 86 -19.95 -14.53 -11.40
N ASP B 87 -20.01 -13.83 -12.54
CA ASP B 87 -19.42 -14.31 -13.78
C ASP B 87 -17.92 -14.58 -13.65
N LEU B 88 -17.20 -13.69 -12.91
CA LEU B 88 -15.77 -13.89 -12.72
C LEU B 88 -15.51 -15.13 -11.88
N VAL B 89 -16.17 -15.25 -10.72
CA VAL B 89 -15.89 -16.35 -9.80
C VAL B 89 -16.41 -17.70 -10.33
N ASN B 90 -17.47 -17.69 -11.15
CA ASN B 90 -17.96 -18.88 -11.84
C ASN B 90 -17.07 -19.30 -13.01
N GLN B 91 -16.16 -18.43 -13.46
CA GLN B 91 -15.22 -18.67 -14.53
C GLN B 91 -16.01 -18.75 -15.82
N ALA B 92 -17.01 -17.86 -15.99
CA ALA B 92 -17.93 -17.93 -17.12
C ALA B 92 -17.24 -17.35 -18.37
N ASP B 93 -17.76 -17.72 -19.57
CA ASP B 93 -17.10 -17.50 -20.87
C ASP B 93 -17.63 -16.21 -21.50
N SER B 94 -17.13 -15.07 -21.02
CA SER B 94 -17.55 -13.74 -21.42
C SER B 94 -16.33 -12.93 -21.80
N PRO B 95 -16.49 -11.84 -22.62
CA PRO B 95 -15.40 -10.90 -22.91
C PRO B 95 -14.66 -10.29 -21.73
N LEU B 96 -15.42 -9.90 -20.72
CA LEU B 96 -14.85 -9.37 -19.50
C LEU B 96 -14.04 -10.46 -18.79
N CYS B 97 -14.58 -11.69 -18.69
CA CYS B 97 -13.86 -12.79 -18.07
C CYS B 97 -12.54 -13.07 -18.79
N ARG B 98 -12.56 -13.02 -20.11
CA ARG B 98 -11.36 -13.18 -20.92
C ARG B 98 -10.38 -12.04 -20.68
N THR B 99 -10.86 -10.79 -20.59
CA THR B 99 -9.99 -9.65 -20.33
C THR B 99 -9.33 -9.85 -18.97
N TYR B 100 -10.09 -10.33 -17.97
CA TYR B 100 -9.56 -10.60 -16.65
C TYR B 100 -8.41 -11.59 -16.76
N SER B 101 -8.56 -12.69 -17.54
CA SER B 101 -7.46 -13.65 -17.66
C SER B 101 -6.18 -13.04 -18.25
N SER B 102 -6.30 -12.04 -19.13
CA SER B 102 -5.14 -11.31 -19.66
C SER B 102 -4.34 -10.46 -18.64
N PHE B 103 -4.93 -10.15 -17.48
CA PHE B 103 -4.24 -9.40 -16.46
C PHE B 103 -3.18 -10.30 -15.80
N GLY B 104 -2.03 -9.68 -15.50
CA GLY B 104 -1.06 -10.27 -14.60
C GLY B 104 -1.65 -10.48 -13.22
N MET B 105 -1.13 -11.48 -12.53
CA MET B 105 -1.54 -11.87 -11.19
C MET B 105 -1.71 -10.65 -10.29
N ASN B 106 -0.70 -9.75 -10.24
CA ASN B 106 -0.76 -8.62 -9.30
C ASN B 106 -1.81 -7.58 -9.67
N VAL B 107 -2.15 -7.51 -10.98
CA VAL B 107 -3.25 -6.70 -11.49
C VAL B 107 -4.58 -7.31 -11.08
N LYS B 108 -4.71 -8.63 -11.29
CA LYS B 108 -5.88 -9.34 -10.80
C LYS B 108 -6.14 -9.11 -9.30
N LEU B 109 -5.09 -9.23 -8.47
CA LEU B 109 -5.25 -9.08 -7.02
C LEU B 109 -5.59 -7.63 -6.65
N GLY B 110 -4.95 -6.64 -7.31
CA GLY B 110 -5.33 -5.24 -7.09
C GLY B 110 -6.72 -4.90 -7.68
N PHE B 111 -7.18 -5.62 -8.71
CA PHE B 111 -8.56 -5.43 -9.20
C PHE B 111 -9.56 -5.76 -8.10
N TRP B 112 -9.41 -6.93 -7.48
CA TRP B 112 -10.27 -7.31 -6.38
C TRP B 112 -10.07 -6.43 -5.14
N TYR B 113 -8.85 -5.97 -4.89
CA TYR B 113 -8.56 -5.02 -3.82
C TYR B 113 -9.38 -3.74 -4.01
N GLN B 114 -9.35 -3.19 -5.23
CA GLN B 114 -10.14 -2.04 -5.61
C GLN B 114 -11.62 -2.30 -5.40
N LEU B 115 -12.13 -3.46 -5.81
CA LEU B 115 -13.54 -3.79 -5.58
C LEU B 115 -13.85 -3.86 -4.09
N SER B 116 -12.91 -4.36 -3.29
CA SER B 116 -13.13 -4.45 -1.84
C SER B 116 -13.28 -3.04 -1.25
N GLU B 117 -12.46 -2.10 -1.71
CA GLU B 117 -12.52 -0.72 -1.26
C GLU B 117 -13.83 -0.07 -1.71
N TRP B 118 -14.24 -0.28 -2.97
CA TRP B 118 -15.52 0.25 -3.45
C TRP B 118 -16.73 -0.35 -2.74
N MET B 119 -16.67 -1.64 -2.38
CA MET B 119 -17.75 -2.22 -1.59
C MET B 119 -17.85 -1.53 -0.23
N LYS B 120 -16.70 -1.37 0.46
CA LYS B 120 -16.63 -0.67 1.73
C LYS B 120 -17.18 0.76 1.59
N GLU B 121 -16.93 1.42 0.45
CA GLU B 121 -17.33 2.79 0.18
C GLU B 121 -18.78 2.83 -0.34
N GLY B 122 -19.34 1.69 -0.80
CA GLY B 122 -20.70 1.62 -1.30
C GLY B 122 -20.83 2.08 -2.74
N ILE B 123 -19.71 2.05 -3.47
CA ILE B 123 -19.67 2.27 -4.90
C ILE B 123 -19.97 0.94 -5.57
N VAL B 124 -19.80 -0.21 -4.89
CA VAL B 124 -20.04 -1.51 -5.51
C VAL B 124 -20.90 -2.35 -4.59
N ALA B 125 -21.89 -3.04 -5.18
CA ALA B 125 -22.83 -3.91 -4.50
C ALA B 125 -22.11 -4.81 -3.48
N PRO B 126 -22.40 -4.67 -2.16
CA PRO B 126 -21.60 -5.35 -1.14
C PRO B 126 -22.15 -6.76 -0.98
N ILE B 127 -21.53 -7.51 -0.06
CA ILE B 127 -22.11 -8.76 0.40
C ILE B 127 -23.27 -8.31 1.26
N PRO B 128 -24.52 -8.83 1.07
CA PRO B 128 -25.64 -8.55 1.98
C PRO B 128 -25.23 -8.73 3.44
N GLU B 129 -25.45 -7.66 4.22
CA GLU B 129 -25.12 -7.65 5.64
CA GLU B 129 -25.08 -7.67 5.63
C GLU B 129 -25.89 -8.79 6.32
N GLY B 130 -25.25 -9.50 7.25
CA GLY B 130 -25.84 -10.67 7.88
C GLY B 130 -25.92 -11.92 6.99
N TYR B 131 -25.25 -11.96 5.81
CA TYR B 131 -25.30 -13.10 4.90
C TYR B 131 -24.85 -14.36 5.62
N LYS B 132 -25.61 -15.45 5.36
CA LYS B 132 -25.30 -16.75 5.91
C LYS B 132 -25.01 -17.72 4.75
N LEU B 133 -23.82 -18.35 4.78
CA LEU B 133 -23.40 -19.30 3.77
C LEU B 133 -24.24 -20.58 3.88
N SER B 134 -24.17 -21.39 2.83
CA SER B 134 -24.54 -22.80 2.90
C SER B 134 -23.69 -23.54 3.94
N GLU B 135 -24.18 -24.71 4.35
CA GLU B 135 -23.50 -25.65 5.24
C GLU B 135 -22.10 -25.99 4.71
N ASP B 136 -21.99 -26.15 3.37
CA ASP B 136 -20.78 -26.51 2.64
C ASP B 136 -19.86 -25.29 2.57
N GLY B 137 -20.39 -24.11 2.18
CA GLY B 137 -19.68 -22.84 2.23
C GLY B 137 -19.08 -22.58 3.61
N SER B 138 -19.90 -22.74 4.66
CA SER B 138 -19.47 -22.54 6.04
C SER B 138 -18.31 -23.46 6.36
N ASP B 139 -18.40 -24.71 5.90
CA ASP B 139 -17.34 -25.68 6.10
C ASP B 139 -16.07 -25.37 5.33
N VAL B 140 -16.17 -24.90 4.07
CA VAL B 140 -15.00 -24.43 3.34
C VAL B 140 -14.32 -23.26 4.09
N LEU B 141 -15.15 -22.35 4.63
CA LEU B 141 -14.64 -21.22 5.37
C LEU B 141 -13.90 -21.68 6.63
N GLU B 142 -14.47 -22.60 7.44
CA GLU B 142 -13.78 -23.11 8.62
CA GLU B 142 -13.80 -23.13 8.62
C GLU B 142 -12.47 -23.81 8.26
N ALA B 143 -12.42 -24.50 7.10
CA ALA B 143 -11.24 -25.19 6.60
C ALA B 143 -10.12 -24.20 6.31
N ILE B 144 -10.46 -23.11 5.59
CA ILE B 144 -9.56 -21.97 5.41
C ILE B 144 -9.08 -21.44 6.78
N ARG B 145 -10.01 -21.17 7.69
CA ARG B 145 -9.67 -20.71 9.04
C ARG B 145 -8.81 -21.70 9.82
N GLN B 146 -8.83 -23.01 9.52
CA GLN B 146 -7.89 -23.96 10.13
C GLN B 146 -6.44 -23.67 9.72
N LEU B 147 -6.21 -23.02 8.55
CA LEU B 147 -4.87 -22.86 8.03
C LEU B 147 -4.22 -21.71 8.75
N GLU B 148 -2.90 -21.80 8.78
CA GLU B 148 -2.03 -20.68 9.09
C GLU B 148 -2.25 -19.55 8.09
N GLY B 149 -1.94 -18.32 8.55
CA GLY B 149 -2.31 -17.13 7.84
C GLY B 149 -1.75 -17.05 6.41
N GLY B 150 -0.52 -17.52 6.20
CA GLY B 150 0.08 -17.49 4.88
C GLY B 150 -0.64 -18.43 3.92
N GLN B 151 -1.08 -19.57 4.47
CA GLN B 151 -1.75 -20.60 3.69
C GLN B 151 -3.16 -20.16 3.31
N GLN B 152 -3.82 -19.38 4.18
CA GLN B 152 -5.10 -18.78 3.85
C GLN B 152 -4.96 -17.90 2.64
N LEU B 153 -3.97 -17.00 2.70
CA LEU B 153 -3.67 -16.15 1.59
C LEU B 153 -3.35 -16.92 0.31
N SER B 154 -2.69 -18.07 0.41
CA SER B 154 -2.45 -18.99 -0.69
C SER B 154 -3.74 -19.49 -1.33
N VAL B 155 -4.71 -19.78 -0.48
CA VAL B 155 -6.03 -20.16 -1.02
C VAL B 155 -6.64 -18.99 -1.76
N LEU B 156 -6.62 -17.80 -1.12
CA LEU B 156 -7.20 -16.64 -1.73
C LEU B 156 -6.57 -16.33 -3.07
N ARG B 157 -5.25 -16.27 -3.10
CA ARG B 157 -4.50 -16.05 -4.32
C ARG B 157 -4.86 -17.07 -5.41
N ASP B 158 -4.82 -18.36 -5.05
CA ASP B 158 -5.07 -19.44 -6.00
CA ASP B 158 -5.07 -19.44 -5.99
C ASP B 158 -6.43 -19.23 -6.62
N ILE B 159 -7.44 -18.93 -5.77
CA ILE B 159 -8.78 -18.66 -6.31
C ILE B 159 -8.75 -17.47 -7.27
N VAL B 160 -8.11 -16.35 -6.87
CA VAL B 160 -8.23 -15.10 -7.59
C VAL B 160 -7.69 -15.22 -9.02
N VAL B 161 -6.50 -15.78 -9.16
CA VAL B 161 -5.80 -15.85 -10.42
C VAL B 161 -6.45 -16.85 -11.37
N ASN B 162 -7.26 -17.79 -10.88
CA ASN B 162 -7.97 -18.72 -11.76
C ASN B 162 -9.44 -18.32 -11.94
N MET B 163 -9.87 -17.14 -11.45
CA MET B 163 -11.14 -16.59 -11.91
C MET B 163 -11.06 -16.14 -13.37
N GLY B 164 -12.23 -15.83 -13.97
CA GLY B 164 -12.29 -15.43 -15.36
C GLY B 164 -12.16 -16.63 -16.26
N TYR B 165 -11.80 -16.43 -17.52
CA TYR B 165 -11.97 -17.48 -18.53
C TYR B 165 -10.68 -17.64 -19.30
N VAL B 166 -10.15 -18.87 -19.40
CA VAL B 166 -8.95 -19.17 -20.18
C VAL B 166 -9.31 -20.23 -21.21
N PRO B 167 -9.20 -19.91 -22.53
CA PRO B 167 -9.58 -20.85 -23.59
C PRO B 167 -8.52 -21.93 -23.69
N THR B 168 -8.84 -23.07 -24.30
CA THR B 168 -7.96 -24.25 -24.34
C THR B 168 -6.60 -23.94 -25.03
N GLY B 169 -6.59 -23.01 -26.00
CA GLY B 169 -5.36 -22.36 -26.47
C GLY B 169 -4.86 -21.24 -25.56
N GLY B 170 -4.28 -21.60 -24.36
CA GLY B 170 -4.14 -20.83 -23.10
C GLY B 170 -3.96 -19.30 -23.19
N THR B 171 -3.71 -18.64 -22.05
CA THR B 171 -3.47 -17.18 -22.05
C THR B 171 -2.10 -16.85 -22.65
N LYS B 172 -2.05 -16.63 -23.98
CA LYS B 172 -0.84 -16.19 -24.67
C LYS B 172 -0.73 -14.68 -24.43
N LYS B 173 -0.29 -14.29 -23.21
CA LYS B 173 -0.59 -13.02 -22.57
C LYS B 173 0.34 -11.88 -23.07
N VAL B 174 0.63 -10.90 -22.21
CA VAL B 174 0.71 -9.51 -22.63
C VAL B 174 2.15 -9.06 -22.89
N LYS B 175 3.12 -9.46 -22.04
CA LYS B 175 4.31 -8.67 -21.71
C LYS B 175 3.82 -7.42 -20.96
N GLU B 176 3.75 -7.55 -19.63
CA GLU B 176 3.90 -6.41 -18.73
C GLU B 176 5.38 -5.96 -18.76
N PRO B 177 5.71 -4.69 -18.40
CA PRO B 177 7.12 -4.21 -18.40
C PRO B 177 8.07 -4.90 -17.39
N VAL B 178 9.36 -5.01 -17.79
CA VAL B 178 10.40 -5.70 -17.04
C VAL B 178 11.05 -4.68 -16.10
N VAL B 179 11.09 -4.94 -14.78
CA VAL B 179 11.41 -3.89 -13.82
C VAL B 179 12.89 -4.01 -13.46
N PRO B 180 13.71 -2.95 -13.60
CA PRO B 180 15.10 -3.02 -13.14
C PRO B 180 15.22 -3.50 -11.68
N PRO B 181 16.28 -4.28 -11.35
CA PRO B 181 16.43 -4.90 -10.05
C PRO B 181 16.89 -3.90 -8.98
N LYS B 182 16.89 -4.31 -7.71
CA LYS B 182 17.30 -3.41 -6.62
C LYS B 182 18.73 -2.91 -6.82
N ASP B 183 19.00 -1.68 -6.36
CA ASP B 183 20.36 -1.16 -6.23
C ASP B 183 21.25 -2.19 -5.59
N LEU B 184 22.55 -2.23 -5.95
CA LEU B 184 23.52 -3.12 -5.32
C LEU B 184 23.75 -2.76 -3.85
N ALA B 185 23.57 -1.49 -3.49
CA ALA B 185 23.73 -1.05 -2.11
C ALA B 185 22.60 -1.62 -1.20
N SER B 186 21.43 -2.01 -1.76
CA SER B 186 20.25 -2.40 -1.00
C SER B 186 19.94 -3.90 -1.02
N ARG B 187 20.88 -4.74 -1.51
CA ARG B 187 20.71 -6.19 -1.54
C ARG B 187 21.30 -6.90 -0.33
N SER B 188 20.90 -8.16 -0.14
CA SER B 188 21.37 -9.02 0.95
C SER B 188 21.96 -10.28 0.33
N LYS B 189 23.10 -10.73 0.87
CA LYS B 189 23.73 -12.00 0.57
C LYS B 189 23.09 -13.07 1.46
N SER B 190 22.39 -14.02 0.84
CA SER B 190 21.85 -15.21 1.46
C SER B 190 22.94 -16.06 2.10
N SER B 191 22.57 -16.61 3.28
CA SER B 191 23.35 -17.55 4.07
C SER B 191 22.43 -18.72 4.46
N ILE B 192 22.81 -19.98 4.11
CA ILE B 192 21.97 -21.14 4.33
C ILE B 192 22.79 -22.20 5.06
N GLU B 193 22.25 -22.64 6.21
CA GLU B 193 22.88 -23.63 7.08
C GLU B 193 22.83 -24.98 6.37
N GLY B 194 24.01 -25.64 6.30
CA GLY B 194 24.22 -26.95 5.71
C GLY B 194 24.74 -26.92 4.26
N ILE B 195 24.69 -25.77 3.57
CA ILE B 195 24.70 -25.64 2.11
C ILE B 195 25.72 -24.56 1.77
N ASP B 196 26.54 -24.74 0.72
CA ASP B 196 27.30 -23.65 0.13
C ASP B 196 27.05 -23.55 -1.38
N ASN B 197 26.05 -24.25 -1.93
CA ASN B 197 25.94 -24.44 -3.36
C ASN B 197 25.75 -23.08 -4.04
N PRO B 198 26.69 -22.60 -4.88
CA PRO B 198 26.60 -21.28 -5.48
C PRO B 198 25.45 -21.06 -6.46
N THR B 199 24.95 -22.08 -7.16
CA THR B 199 23.74 -21.92 -7.95
C THR B 199 22.53 -21.49 -7.09
N VAL B 200 22.36 -22.21 -5.97
CA VAL B 200 21.26 -22.07 -5.05
C VAL B 200 21.31 -20.65 -4.46
N LEU B 201 22.49 -20.26 -3.94
CA LEU B 201 22.70 -18.95 -3.31
C LEU B 201 22.48 -17.82 -4.31
N SER B 202 22.96 -18.03 -5.54
CA SER B 202 22.74 -17.07 -6.60
C SER B 202 21.26 -16.96 -6.95
N TYR B 203 20.54 -18.08 -7.01
CA TYR B 203 19.10 -18.04 -7.24
C TYR B 203 18.46 -17.17 -6.17
N MET B 204 18.77 -17.41 -4.90
CA MET B 204 18.16 -16.68 -3.79
C MET B 204 18.50 -15.20 -3.85
N ASP B 205 19.78 -14.87 -4.14
CA ASP B 205 20.22 -13.48 -4.17
C ASP B 205 19.56 -12.70 -5.31
N ASN B 206 19.58 -13.29 -6.51
CA ASN B 206 18.99 -12.64 -7.68
C ASN B 206 17.49 -12.49 -7.55
N MET B 207 16.80 -13.48 -6.95
CA MET B 207 15.36 -13.39 -6.78
C MET B 207 15.03 -12.31 -5.77
N ASN B 208 15.77 -12.26 -4.68
CA ASN B 208 15.60 -11.21 -3.67
C ASN B 208 15.89 -9.81 -4.21
N ALA B 209 16.80 -9.68 -5.18
CA ALA B 209 17.16 -8.43 -5.80
C ALA B 209 16.25 -8.06 -6.98
N PHE B 210 15.35 -8.96 -7.40
CA PHE B 210 14.46 -8.80 -8.53
C PHE B 210 15.23 -8.78 -9.84
N ASP B 211 16.41 -9.39 -9.88
CA ASP B 211 17.18 -9.53 -11.11
C ASP B 211 16.83 -10.87 -11.75
N PHE B 212 15.75 -10.88 -12.50
CA PHE B 212 15.23 -12.09 -13.13
C PHE B 212 16.04 -12.49 -14.38
N GLN B 213 16.70 -11.56 -15.10
CA GLN B 213 17.61 -11.95 -16.17
C GLN B 213 18.80 -12.74 -15.62
N ALA B 214 19.38 -12.30 -14.48
CA ALA B 214 20.48 -13.09 -13.88
C ALA B 214 19.99 -14.43 -13.32
N ALA B 215 18.80 -14.52 -12.73
CA ALA B 215 18.23 -15.75 -12.20
C ALA B 215 17.88 -16.75 -13.30
N VAL B 216 17.29 -16.29 -14.39
CA VAL B 216 17.01 -17.15 -15.53
C VAL B 216 18.34 -17.66 -16.12
N ALA B 217 19.42 -16.89 -16.01
CA ALA B 217 20.73 -17.30 -16.49
C ALA B 217 21.29 -18.51 -15.72
N LEU B 218 20.77 -18.84 -14.53
CA LEU B 218 21.22 -20.00 -13.78
C LEU B 218 20.57 -21.29 -14.29
N PHE B 219 19.55 -21.24 -15.15
CA PHE B 219 18.84 -22.43 -15.61
C PHE B 219 19.50 -23.02 -16.84
N ALA B 220 19.34 -24.35 -17.00
CA ALA B 220 19.61 -24.99 -18.28
C ALA B 220 18.60 -24.53 -19.32
N GLU B 221 18.95 -24.76 -20.60
CA GLU B 221 18.10 -24.43 -21.74
C GLU B 221 16.77 -25.21 -21.65
N ASP B 222 16.82 -26.46 -21.17
CA ASP B 222 15.64 -27.29 -20.98
C ASP B 222 15.16 -27.26 -19.51
N GLY B 223 15.54 -26.24 -18.74
CA GLY B 223 15.21 -26.18 -17.34
C GLY B 223 13.78 -25.72 -17.12
N ALA B 224 13.37 -25.85 -15.85
CA ALA B 224 12.00 -25.63 -15.46
C ALA B 224 11.90 -25.12 -14.02
N LEU B 225 10.88 -24.27 -13.77
CA LEU B 225 10.48 -23.79 -12.46
C LEU B 225 9.04 -24.22 -12.22
N LYS B 226 8.79 -24.87 -11.07
CA LYS B 226 7.49 -25.39 -10.79
C LYS B 226 6.99 -24.67 -9.55
N PRO B 227 5.97 -23.78 -9.69
CA PRO B 227 5.36 -23.12 -8.56
C PRO B 227 4.58 -24.11 -7.74
N PRO B 228 4.18 -23.71 -6.53
CA PRO B 228 3.27 -24.50 -5.69
C PRO B 228 1.92 -24.80 -6.36
N PHE B 229 1.61 -26.10 -6.47
CA PHE B 229 0.35 -26.61 -6.97
C PHE B 229 0.11 -26.26 -8.44
N GLU B 230 1.16 -25.89 -9.20
CA GLU B 230 1.03 -25.57 -10.60
C GLU B 230 2.01 -26.44 -11.37
N GLU B 231 1.83 -26.46 -12.70
CA GLU B 231 2.70 -27.18 -13.59
C GLU B 231 4.03 -26.45 -13.76
N PRO B 232 5.12 -27.18 -14.09
CA PRO B 232 6.40 -26.57 -14.40
C PRO B 232 6.32 -25.59 -15.56
N ILE B 233 7.08 -24.50 -15.45
CA ILE B 233 7.28 -23.52 -16.49
C ILE B 233 8.64 -23.82 -17.12
N VAL B 234 8.66 -24.02 -18.45
CA VAL B 234 9.73 -24.70 -19.14
C VAL B 234 10.32 -23.69 -20.11
N GLY B 235 11.60 -23.40 -19.90
CA GLY B 235 12.46 -22.64 -20.80
C GLY B 235 12.61 -21.20 -20.31
N LYS B 236 13.75 -20.57 -20.62
CA LYS B 236 14.13 -19.26 -20.12
C LYS B 236 13.09 -18.18 -20.44
N GLU B 237 12.58 -18.15 -21.68
CA GLU B 237 11.50 -17.29 -22.12
C GLU B 237 10.34 -17.31 -21.12
N ASN B 238 9.80 -18.53 -20.92
CA ASN B 238 8.62 -18.75 -20.09
C ASN B 238 8.96 -18.48 -18.62
N ILE B 239 10.18 -18.82 -18.16
CA ILE B 239 10.50 -18.62 -16.76
C ILE B 239 10.63 -17.13 -16.45
N LEU B 240 11.29 -16.36 -17.34
CA LEU B 240 11.44 -14.92 -17.21
C LEU B 240 10.08 -14.22 -17.18
N ALA B 241 9.18 -14.61 -18.10
CA ALA B 241 7.79 -14.12 -18.20
C ALA B 241 7.02 -14.30 -16.91
N TYR B 242 7.09 -15.51 -16.36
CA TYR B 242 6.45 -15.85 -15.10
C TYR B 242 7.06 -15.05 -13.93
N MET B 243 8.38 -14.95 -13.87
CA MET B 243 9.05 -14.16 -12.84
C MET B 243 8.61 -12.70 -12.89
N ASN B 244 8.55 -12.10 -14.08
CA ASN B 244 8.05 -10.74 -14.24
C ASN B 244 6.62 -10.55 -13.76
N GLU B 245 5.74 -11.54 -13.98
CA GLU B 245 4.37 -11.46 -13.52
C GLU B 245 4.27 -11.59 -11.99
N GLN B 246 5.03 -12.51 -11.35
CA GLN B 246 4.68 -12.95 -9.99
C GLN B 246 5.78 -12.72 -8.95
N CYS B 247 7.06 -12.56 -9.37
CA CYS B 247 8.16 -12.55 -8.42
C CYS B 247 8.53 -11.15 -7.93
N TYR B 248 8.05 -10.04 -8.50
CA TYR B 248 8.49 -8.70 -8.03
C TYR B 248 7.97 -8.43 -6.61
N GLY B 249 8.83 -8.02 -5.64
CA GLY B 249 8.45 -7.78 -4.25
C GLY B 249 8.68 -8.92 -3.24
N LEU B 250 9.00 -10.14 -3.71
CA LEU B 250 9.12 -11.26 -2.78
C LEU B 250 10.36 -11.10 -1.90
N LYS B 251 10.23 -11.52 -0.62
CA LYS B 251 11.36 -11.65 0.29
C LYS B 251 11.54 -13.13 0.60
N LEU B 252 12.64 -13.71 0.08
CA LEU B 252 12.99 -15.10 0.26
C LEU B 252 13.93 -15.17 1.45
N THR B 253 13.58 -15.97 2.46
CA THR B 253 14.44 -16.19 3.60
C THR B 253 14.76 -17.69 3.64
N PRO B 254 15.69 -18.20 2.79
CA PRO B 254 16.09 -19.60 2.89
C PRO B 254 16.94 -19.78 4.15
N GLN B 255 16.65 -20.81 4.94
CA GLN B 255 17.21 -20.93 6.27
C GLN B 255 18.12 -22.15 6.37
N GLN B 256 17.66 -23.32 5.92
CA GLN B 256 18.46 -24.54 6.03
C GLN B 256 18.38 -25.33 4.76
N GLY B 257 19.29 -26.27 4.59
CA GLY B 257 19.22 -27.14 3.44
C GLY B 257 20.18 -28.31 3.48
N VAL B 258 20.09 -29.16 2.43
CA VAL B 258 20.94 -30.33 2.30
C VAL B 258 21.22 -30.57 0.82
N SER B 259 22.44 -31.06 0.52
CA SER B 259 22.88 -31.37 -0.83
C SER B 259 23.32 -32.82 -0.92
N GLU B 260 22.90 -33.51 -1.98
CA GLU B 260 23.23 -34.91 -2.20
C GLU B 260 23.57 -35.08 -3.68
N SER B 261 24.39 -36.07 -4.00
CA SER B 261 24.61 -36.50 -5.37
C SER B 261 23.32 -37.09 -5.92
N ALA B 262 23.16 -36.91 -7.24
CA ALA B 262 22.07 -37.48 -8.01
C ALA B 262 22.70 -38.18 -9.22
N ALA B 263 21.83 -38.90 -9.96
CA ALA B 263 22.25 -39.76 -11.06
C ALA B 263 23.03 -38.95 -12.09
N GLY B 264 24.16 -39.46 -12.60
CA GLY B 264 24.76 -38.92 -13.81
C GLY B 264 25.50 -37.61 -13.55
N GLU B 265 26.07 -37.50 -12.33
CA GLU B 265 26.80 -36.34 -11.86
C GLU B 265 25.89 -35.11 -11.71
N PHE B 266 24.55 -35.26 -11.64
CA PHE B 266 23.63 -34.19 -11.20
C PHE B 266 23.79 -34.05 -9.68
N THR B 267 23.29 -32.93 -9.15
CA THR B 267 23.30 -32.61 -7.71
C THR B 267 21.88 -32.22 -7.34
N GLN B 268 21.33 -32.79 -6.26
CA GLN B 268 20.01 -32.46 -5.77
C GLN B 268 20.21 -31.72 -4.44
N VAL B 269 19.50 -30.59 -4.29
CA VAL B 269 19.61 -29.70 -3.15
C VAL B 269 18.21 -29.34 -2.67
N LYS B 270 17.92 -29.66 -1.41
CA LYS B 270 16.70 -29.20 -0.76
C LYS B 270 17.02 -28.05 0.21
N VAL B 271 16.28 -26.95 0.08
CA VAL B 271 16.30 -25.83 1.01
C VAL B 271 14.91 -25.66 1.58
N THR B 272 14.84 -25.34 2.89
CA THR B 272 13.60 -24.90 3.51
C THR B 272 13.78 -23.51 4.08
N GLY B 273 12.65 -22.83 4.27
CA GLY B 273 12.64 -21.42 4.63
C GLY B 273 11.25 -20.80 4.55
N ARG B 274 11.21 -19.48 4.40
CA ARG B 274 9.94 -18.80 4.17
CA ARG B 274 9.98 -18.71 4.26
C ARG B 274 10.05 -17.83 3.01
N VAL B 275 8.88 -17.38 2.55
CA VAL B 275 8.77 -16.27 1.64
C VAL B 275 7.77 -15.33 2.28
N GLN B 276 8.02 -14.01 2.14
CA GLN B 276 7.01 -13.01 2.43
C GLN B 276 6.64 -12.40 1.09
N SER B 277 5.37 -12.59 0.70
CA SER B 277 4.83 -11.91 -0.46
C SER B 277 4.73 -10.40 -0.17
N PRO B 278 4.83 -9.50 -1.18
CA PRO B 278 4.50 -8.08 -1.00
C PRO B 278 3.06 -7.76 -0.60
N TRP B 279 2.19 -8.78 -0.69
CA TRP B 279 0.83 -8.70 -0.19
C TRP B 279 0.73 -9.07 1.28
N PHE B 280 1.75 -9.67 1.91
CA PHE B 280 1.70 -10.02 3.32
C PHE B 280 2.06 -8.84 4.23
N GLY B 281 1.22 -8.59 5.24
CA GLY B 281 1.56 -7.76 6.39
C GLY B 281 2.66 -8.35 7.29
N ASP B 282 2.88 -7.68 8.45
CA ASP B 282 4.15 -7.58 9.16
C ASP B 282 4.87 -8.92 9.39
N ASN B 283 4.32 -9.82 10.21
CA ASN B 283 5.00 -11.05 10.59
C ASN B 283 4.62 -12.22 9.68
N VAL B 284 3.83 -11.99 8.61
CA VAL B 284 3.22 -13.07 7.85
C VAL B 284 4.27 -13.56 6.86
N GLY B 285 4.31 -14.89 6.74
CA GLY B 285 5.17 -15.59 5.83
C GLY B 285 4.64 -16.99 5.58
N LEU B 286 5.14 -17.60 4.50
CA LEU B 286 4.85 -18.98 4.19
C LEU B 286 6.09 -19.83 4.42
N ASN B 287 5.98 -20.96 5.08
CA ASN B 287 7.05 -21.95 5.10
C ASN B 287 7.08 -22.68 3.75
N LEU B 288 8.26 -22.68 3.08
CA LEU B 288 8.45 -23.28 1.76
C LEU B 288 9.58 -24.30 1.80
N ALA B 289 9.54 -25.25 0.86
CA ALA B 289 10.70 -25.98 0.37
C ALA B 289 11.04 -25.52 -1.06
N TRP B 290 12.35 -25.41 -1.33
CA TRP B 290 12.91 -25.39 -2.68
C TRP B 290 13.66 -26.70 -2.84
N ARG B 291 13.28 -27.49 -3.85
CA ARG B 291 13.95 -28.71 -4.25
C ARG B 291 14.61 -28.44 -5.59
N PHE B 292 15.93 -28.39 -5.65
CA PHE B 292 16.66 -28.08 -6.87
C PHE B 292 17.26 -29.35 -7.42
N LEU B 293 17.16 -29.56 -8.73
CA LEU B 293 18.02 -30.52 -9.41
C LEU B 293 18.92 -29.75 -10.37
N LEU B 294 20.25 -29.93 -10.18
CA LEU B 294 21.27 -29.23 -10.95
C LEU B 294 22.01 -30.25 -11.80
N ASN B 295 22.26 -29.94 -13.08
CA ASN B 295 23.05 -30.78 -13.98
C ASN B 295 24.53 -30.71 -13.56
N PRO B 296 25.44 -31.54 -14.14
CA PRO B 296 26.86 -31.52 -13.78
C PRO B 296 27.60 -30.19 -13.94
N GLN B 297 27.11 -29.29 -14.81
CA GLN B 297 27.64 -27.94 -15.03
C GLN B 297 27.19 -26.98 -13.91
N GLY B 298 26.20 -27.36 -13.09
CA GLY B 298 25.66 -26.58 -11.99
C GLY B 298 24.46 -25.72 -12.38
N GLU B 299 23.92 -25.89 -13.61
CA GLU B 299 22.72 -25.15 -14.04
C GLU B 299 21.44 -25.81 -13.54
N ILE B 300 20.41 -25.00 -13.22
CA ILE B 300 19.16 -25.54 -12.65
C ILE B 300 18.43 -26.29 -13.77
N PHE B 301 18.24 -27.61 -13.61
CA PHE B 301 17.35 -28.36 -14.49
C PHE B 301 15.92 -28.19 -14.00
N LEU B 302 15.69 -28.29 -12.69
CA LEU B 302 14.40 -28.03 -12.08
C LEU B 302 14.65 -27.32 -10.76
N VAL B 303 13.89 -26.28 -10.47
CA VAL B 303 13.62 -25.93 -9.07
C VAL B 303 12.12 -26.03 -8.84
N ALA B 304 11.71 -26.77 -7.79
CA ALA B 304 10.31 -26.89 -7.44
C ALA B 304 10.08 -26.21 -6.11
N ILE B 305 9.08 -25.31 -6.08
CA ILE B 305 8.72 -24.60 -4.88
C ILE B 305 7.44 -25.24 -4.35
N ASP B 306 7.46 -25.66 -3.07
CA ASP B 306 6.33 -26.28 -2.39
C ASP B 306 5.96 -25.46 -1.15
N VAL B 307 4.64 -25.31 -0.89
CA VAL B 307 4.16 -24.76 0.36
C VAL B 307 4.11 -25.89 1.37
N LEU B 308 4.78 -25.75 2.54
CA LEU B 308 4.91 -26.89 3.45
C LEU B 308 3.64 -27.07 4.25
N ALA B 309 3.32 -28.32 4.60
CA ALA B 309 2.15 -28.66 5.43
C ALA B 309 2.18 -27.90 6.77
N SER B 310 3.34 -27.93 7.44
CA SER B 310 3.46 -27.46 8.81
C SER B 310 4.92 -27.07 9.06
N PRO B 311 5.24 -26.24 10.07
CA PRO B 311 6.64 -25.82 10.25
C PRO B 311 7.59 -26.96 10.65
N LYS B 312 7.11 -28.08 11.23
CA LYS B 312 7.85 -29.35 11.36
C LYS B 312 8.67 -29.74 10.13
N GLU B 313 8.06 -29.59 8.96
CA GLU B 313 8.69 -29.90 7.68
C GLU B 313 9.87 -29.01 7.30
N LEU B 314 10.08 -27.84 7.93
CA LEU B 314 11.28 -27.02 7.76
C LEU B 314 12.56 -27.81 8.08
N MET B 315 12.51 -28.73 9.05
CA MET B 315 13.66 -29.55 9.40
C MET B 315 13.60 -30.97 8.84
N ASN B 316 12.73 -31.29 7.87
CA ASN B 316 12.86 -32.55 7.14
C ASN B 316 13.79 -32.31 5.94
N LEU B 317 15.08 -32.67 6.08
CA LEU B 317 16.05 -32.46 5.02
C LEU B 317 16.72 -33.79 4.66
N GLY B 318 17.64 -34.28 5.50
CA GLY B 318 18.54 -35.36 5.10
C GLY B 318 17.87 -36.73 5.23
N LEU B 319 18.56 -37.74 4.68
CA LEU B 319 18.43 -39.16 5.03
C LEU B 319 17.14 -39.70 4.40
#